data_4LXL
#
_entry.id   4LXL
#
_cell.length_a   54.364
_cell.length_b   78.475
_cell.length_c   83.893
_cell.angle_alpha   90.00
_cell.angle_beta   90.00
_cell.angle_gamma   90.00
#
_symmetry.space_group_name_H-M   'P 21 21 21'
#
loop_
_entity.id
_entity.type
_entity.pdbx_description
1 polymer 'Lysine-specific demethylase 4B'
2 polymer 'H3 peptide'
3 non-polymer 'PYRIDINE-2,4-DICARBOXYLIC ACID'
4 non-polymer 'NICKEL (II) ION'
5 non-polymer 'ZINC ION'
6 water water
#
loop_
_entity_poly.entity_id
_entity_poly.type
_entity_poly.pdbx_seq_one_letter_code
_entity_poly.pdbx_strand_id
1 'polypeptide(L)'
;MGSSHHHHHHSSGLVPRGSHMGSEDHGAQNPSCKIMTFRPTMEEFKDFNKYVAYIESQGAHRAGLAKIIPPKEWKPRQTY
DDIDDVVIPAPIQQVVTGQSGLFTQYNIQKKAMTVGEYRRLANSEKYCTPRHQDFDDLERKYWKNLTFVSPIYGADISGS
LYDDDVAQWNIGSLRTILDMVERECGTIIEGVNTPYLYFGMWKTTFAWHTEDMDLYSINYLHFGEPKSWYAIPPEHGKRL
ERLAIGFFPGSSQGCDAFLRHKMTLISPIILKKYGIPFSRITQEAGEFMITFPYGYHAGFNHGFNCAESTNFATLRWIDY
GKVATQCTCRKDMVKISMDVFVRILQPERYELWKQGKDLTVLDHTRPT
;
A
2 'polypeptide(L)' AR(M3L)STGGK D
#
loop_
_chem_comp.id
_chem_comp.type
_chem_comp.name
_chem_comp.formula
NI non-polymer 'NICKEL (II) ION' 'Ni 2'
PD2 non-polymer 'PYRIDINE-2,4-DICARBOXYLIC ACID' 'C7 H5 N O4'
ZN non-polymer 'ZINC ION' 'Zn 2'
#
# COMPACT_ATOMS: atom_id res chain seq x y z
N GLN A 29 24.57 -3.28 5.15
CA GLN A 29 23.67 -4.46 5.24
C GLN A 29 23.06 -4.99 3.92
N ASN A 30 22.27 -4.16 3.24
CA ASN A 30 21.60 -4.55 1.96
C ASN A 30 21.95 -3.48 0.91
N PRO A 31 23.23 -3.45 0.48
CA PRO A 31 23.71 -2.32 -0.31
C PRO A 31 23.07 -2.27 -1.72
N SER A 32 22.59 -3.41 -2.20
CA SER A 32 21.96 -3.43 -3.51
C SER A 32 20.45 -3.12 -3.41
N CYS A 33 19.95 -3.06 -2.19
CA CYS A 33 18.54 -2.64 -1.97
C CYS A 33 17.58 -3.66 -2.57
N LYS A 34 17.96 -4.94 -2.55
CA LYS A 34 17.08 -6.02 -3.01
C LYS A 34 15.86 -6.09 -2.10
N ILE A 35 14.73 -6.54 -2.62
CA ILE A 35 13.57 -6.85 -1.75
C ILE A 35 13.82 -8.19 -1.06
N MET A 36 13.81 -8.20 0.26
CA MET A 36 14.11 -9.41 1.03
C MET A 36 12.85 -10.14 1.41
N THR A 37 12.92 -11.47 1.50
CA THR A 37 11.82 -12.28 1.97
C THR A 37 12.28 -13.00 3.24
N PHE A 38 11.46 -12.92 4.28
CA PHE A 38 11.78 -13.53 5.57
C PHE A 38 10.83 -14.68 5.89
N ARG A 39 11.39 -15.68 6.54
CA ARG A 39 10.60 -16.86 6.88
C ARG A 39 10.76 -17.17 8.35
N PRO A 40 10.18 -16.32 9.21
CA PRO A 40 10.37 -16.45 10.65
C PRO A 40 9.84 -17.80 11.18
N THR A 41 10.49 -18.39 12.20
CA THR A 41 9.86 -19.50 12.94
C THR A 41 8.83 -18.85 13.81
N MET A 42 7.94 -19.63 14.43
CA MET A 42 6.98 -19.05 15.36
C MET A 42 7.63 -18.16 16.44
N GLU A 43 8.75 -18.60 16.99
CA GLU A 43 9.31 -17.86 18.12
C GLU A 43 9.82 -16.51 17.65
N GLU A 44 10.51 -16.52 16.51
CA GLU A 44 11.03 -15.27 15.92
C GLU A 44 9.83 -14.39 15.53
N PHE A 45 8.80 -15.01 14.98
CA PHE A 45 7.64 -14.31 14.44
C PHE A 45 6.90 -13.57 15.54
N LYS A 46 6.80 -14.17 16.74
CA LYS A 46 5.90 -13.71 17.85
C LYS A 46 5.56 -12.23 18.03
N ASP A 47 6.59 -11.43 18.25
CA ASP A 47 6.45 -10.03 18.61
C ASP A 47 6.68 -9.19 17.31
N PHE A 48 5.58 -8.70 16.73
CA PHE A 48 5.61 -7.86 15.52
C PHE A 48 6.61 -6.72 15.57
N ASN A 49 6.50 -5.86 16.58
CA ASN A 49 7.40 -4.72 16.69
C ASN A 49 8.87 -5.13 16.65
N LYS A 50 9.18 -6.22 17.35
CA LYS A 50 10.55 -6.69 17.45
C LYS A 50 10.99 -7.23 16.09
N TYR A 51 10.06 -7.84 15.36
CA TYR A 51 10.40 -8.38 14.04
C TYR A 51 10.69 -7.30 13.02
N VAL A 52 9.94 -6.19 13.11
CA VAL A 52 10.27 -5.05 12.26
C VAL A 52 11.68 -4.52 12.53
N ALA A 53 12.06 -4.43 13.79
CA ALA A 53 13.40 -3.97 14.10
C ALA A 53 14.43 -4.95 13.56
N TYR A 54 14.15 -6.23 13.70
CA TYR A 54 15.05 -7.23 13.16
C TYR A 54 15.25 -7.09 11.65
N ILE A 55 14.15 -7.00 10.89
CA ILE A 55 14.32 -6.96 9.41
C ILE A 55 15.08 -5.72 8.96
N GLU A 56 14.89 -4.63 9.68
CA GLU A 56 15.64 -3.43 9.42
C GLU A 56 17.15 -3.60 9.75
N SER A 57 17.45 -4.34 10.81
CA SER A 57 18.84 -4.63 11.19
C SER A 57 19.55 -5.44 10.09
N GLN A 58 18.77 -6.11 9.25
CA GLN A 58 19.26 -6.87 8.09
C GLN A 58 19.16 -6.07 6.77
N GLY A 59 18.67 -4.85 6.87
CA GLY A 59 18.70 -3.89 5.76
C GLY A 59 17.46 -3.96 4.87
N ALA A 60 16.39 -4.62 5.36
CA ALA A 60 15.19 -4.83 4.53
C ALA A 60 14.62 -3.49 4.06
N HIS A 61 14.70 -2.46 4.91
CA HIS A 61 14.06 -1.19 4.58
C HIS A 61 14.69 -0.50 3.36
N ARG A 62 15.92 -0.84 3.03
CA ARG A 62 16.58 -0.16 1.88
C ARG A 62 15.80 -0.37 0.58
N ALA A 63 15.11 -1.51 0.43
CA ALA A 63 14.29 -1.77 -0.78
C ALA A 63 13.01 -0.95 -0.76
N GLY A 64 12.55 -0.58 0.45
CA GLY A 64 11.24 0.12 0.57
C GLY A 64 10.10 -0.87 0.80
N LEU A 65 10.38 -2.15 0.57
CA LEU A 65 9.34 -3.20 0.57
C LEU A 65 9.98 -4.50 1.04
N ALA A 66 9.27 -5.32 1.83
CA ALA A 66 9.77 -6.64 2.24
C ALA A 66 8.62 -7.62 2.35
N LYS A 67 8.90 -8.90 2.04
CA LYS A 67 7.92 -9.96 2.23
C LYS A 67 8.26 -10.71 3.49
N ILE A 68 7.23 -10.95 4.31
CA ILE A 68 7.33 -11.90 5.43
C ILE A 68 6.31 -13.05 5.26
N ILE A 69 6.82 -14.26 5.11
CA ILE A 69 5.99 -15.45 5.11
C ILE A 69 5.85 -15.98 6.54
N PRO A 70 4.64 -15.90 7.08
CA PRO A 70 4.47 -16.30 8.49
C PRO A 70 4.65 -17.81 8.64
N PRO A 71 4.95 -18.27 9.85
CA PRO A 71 5.10 -19.72 10.00
C PRO A 71 3.82 -20.48 9.70
N LYS A 72 3.98 -21.71 9.22
CA LYS A 72 2.86 -22.52 8.71
C LYS A 72 1.72 -22.68 9.70
N GLU A 73 2.04 -22.60 11.01
CA GLU A 73 1.02 -22.83 12.03
C GLU A 73 0.05 -21.67 12.06
N TRP A 74 0.56 -20.46 11.85
CA TRP A 74 -0.19 -19.27 12.20
C TRP A 74 -1.34 -19.08 11.19
N LYS A 75 -2.56 -18.86 11.68
CA LYS A 75 -3.71 -18.53 10.83
C LYS A 75 -4.48 -17.37 11.43
N PRO A 76 -4.82 -16.36 10.61
CA PRO A 76 -5.53 -15.20 11.15
C PRO A 76 -7.03 -15.45 11.23
N ARG A 77 -7.48 -16.55 10.64
CA ARG A 77 -8.90 -16.86 10.57
C ARG A 77 -9.09 -18.35 10.31
N GLN A 78 -10.06 -18.97 10.98
CA GLN A 78 -10.31 -20.41 10.80
C GLN A 78 -10.87 -20.73 9.44
N THR A 79 -11.87 -19.99 9.02
CA THR A 79 -12.49 -20.25 7.73
C THR A 79 -12.90 -18.93 7.10
N TYR A 80 -12.82 -18.87 5.77
CA TYR A 80 -13.43 -17.77 5.03
C TYR A 80 -14.78 -18.18 4.43
N ASP A 81 -15.48 -19.10 5.08
CA ASP A 81 -16.72 -19.68 4.53
C ASP A 81 -17.87 -18.70 4.23
N ASP A 82 -18.03 -17.65 5.02
CA ASP A 82 -19.16 -16.77 4.76
C ASP A 82 -18.88 -15.43 4.04
N ILE A 83 -17.69 -15.26 3.48
CA ILE A 83 -17.31 -13.90 3.00
C ILE A 83 -18.25 -13.38 1.95
N ASP A 84 -18.95 -14.25 1.21
CA ASP A 84 -19.79 -13.79 0.08
C ASP A 84 -20.83 -12.75 0.49
N ASP A 85 -21.13 -12.72 1.77
CA ASP A 85 -22.18 -11.86 2.27
C ASP A 85 -21.67 -10.48 2.61
N VAL A 86 -20.35 -10.33 2.67
CA VAL A 86 -19.78 -9.06 3.09
C VAL A 86 -20.20 -8.01 2.07
N VAL A 87 -20.54 -6.81 2.54
CA VAL A 87 -20.96 -5.73 1.65
C VAL A 87 -19.72 -4.88 1.26
N ILE A 88 -19.57 -4.60 -0.03
CA ILE A 88 -18.58 -3.59 -0.50
C ILE A 88 -19.34 -2.30 -0.72
N PRO A 89 -19.23 -1.34 0.22
CA PRO A 89 -20.12 -0.14 0.19
C PRO A 89 -19.94 0.74 -1.04
N ALA A 90 -18.71 0.79 -1.58
CA ALA A 90 -18.34 1.81 -2.58
C ALA A 90 -17.26 1.28 -3.50
N PRO A 91 -17.57 0.22 -4.21
CA PRO A 91 -16.65 -0.27 -5.23
C PRO A 91 -16.28 0.88 -6.17
N ILE A 92 -15.07 0.84 -6.76
CA ILE A 92 -14.66 1.87 -7.73
C ILE A 92 -14.33 1.28 -9.10
N GLN A 93 -14.82 1.91 -10.17
CA GLN A 93 -14.46 1.54 -11.50
C GLN A 93 -13.18 2.31 -11.85
N GLN A 94 -12.11 1.58 -12.21
CA GLN A 94 -10.79 2.18 -12.37
C GLN A 94 -10.53 2.46 -13.85
N VAL A 95 -10.59 3.73 -14.20
CA VAL A 95 -10.54 4.12 -15.59
C VAL A 95 -9.17 4.67 -15.90
N VAL A 96 -8.45 3.93 -16.73
CA VAL A 96 -7.05 4.30 -16.98
C VAL A 96 -6.91 4.89 -18.35
N THR A 97 -6.37 6.11 -18.37
CA THR A 97 -6.10 6.82 -19.60
C THR A 97 -4.58 7.14 -19.76
N GLY A 98 -4.12 7.22 -21.00
CA GLY A 98 -2.70 7.54 -21.28
C GLY A 98 -2.13 6.68 -22.41
N GLN A 99 -0.79 6.60 -22.49
CA GLN A 99 -0.17 5.78 -23.53
C GLN A 99 1.33 5.77 -23.30
N SER A 100 2.05 4.95 -24.05
CA SER A 100 3.52 4.82 -23.93
C SER A 100 3.99 4.72 -22.49
N GLY A 101 3.29 3.92 -21.70
CA GLY A 101 3.81 3.58 -20.36
C GLY A 101 3.47 4.55 -19.26
N LEU A 102 2.78 5.64 -19.61
CA LEU A 102 2.46 6.70 -18.65
C LEU A 102 0.98 6.88 -18.61
N PHE A 103 0.39 6.69 -17.43
CA PHE A 103 -1.06 6.72 -17.32
C PHE A 103 -1.57 7.47 -16.10
N THR A 104 -2.85 7.84 -16.17
CA THR A 104 -3.57 8.38 -15.05
C THR A 104 -4.79 7.50 -14.81
N GLN A 105 -5.05 7.18 -13.55
CA GLN A 105 -6.12 6.25 -13.22
C GLN A 105 -7.14 6.99 -12.39
N TYR A 106 -8.36 7.13 -12.93
CA TYR A 106 -9.45 7.77 -12.19
C TYR A 106 -10.35 6.67 -11.63
N ASN A 107 -10.76 6.82 -10.38
CA ASN A 107 -11.60 5.81 -9.72
C ASN A 107 -13.03 6.36 -9.57
N ILE A 108 -13.97 5.83 -10.36
CA ILE A 108 -15.37 6.27 -10.37
C ILE A 108 -16.20 5.40 -9.41
N GLN A 109 -16.94 6.01 -8.50
CA GLN A 109 -17.67 5.22 -7.51
C GLN A 109 -18.93 4.59 -8.11
N LYS A 110 -19.14 3.31 -7.84
CA LYS A 110 -20.34 2.60 -8.29
C LYS A 110 -21.16 2.22 -7.07
N LYS A 111 -22.35 1.63 -7.31
CA LYS A 111 -23.26 1.19 -6.22
C LYS A 111 -22.69 0.01 -5.43
N ALA A 112 -23.11 -0.10 -4.18
CA ALA A 112 -22.63 -1.17 -3.30
C ALA A 112 -22.99 -2.49 -3.89
N MET A 113 -22.19 -3.50 -3.60
CA MET A 113 -22.47 -4.86 -4.04
C MET A 113 -21.85 -5.80 -3.03
N THR A 114 -22.26 -7.07 -3.04
CA THR A 114 -21.72 -8.02 -2.10
C THR A 114 -20.49 -8.65 -2.70
N VAL A 115 -19.69 -9.27 -1.85
CA VAL A 115 -18.50 -9.94 -2.27
C VAL A 115 -18.89 -11.05 -3.23
N GLY A 116 -20.01 -11.74 -2.93
CA GLY A 116 -20.56 -12.73 -3.85
C GLY A 116 -20.76 -12.20 -5.25
N GLU A 117 -21.42 -11.05 -5.36
CA GLU A 117 -21.71 -10.47 -6.66
C GLU A 117 -20.39 -10.04 -7.31
N TYR A 118 -19.56 -9.38 -6.50
CA TYR A 118 -18.19 -9.00 -6.93
C TYR A 118 -17.36 -10.18 -7.52
N ARG A 119 -17.31 -11.29 -6.78
CA ARG A 119 -16.58 -12.48 -7.24
C ARG A 119 -17.07 -12.95 -8.62
N ARG A 120 -18.38 -13.01 -8.81
CA ARG A 120 -18.93 -13.42 -10.09
C ARG A 120 -18.58 -12.42 -11.21
N LEU A 121 -18.62 -11.13 -10.90
CA LEU A 121 -18.12 -10.14 -11.84
C LEU A 121 -16.65 -10.43 -12.16
N ALA A 122 -15.82 -10.56 -11.13
CA ALA A 122 -14.36 -10.75 -11.35
C ALA A 122 -14.10 -11.90 -12.33
N ASN A 123 -14.89 -12.96 -12.24
CA ASN A 123 -14.68 -14.15 -13.05
C ASN A 123 -15.45 -14.16 -14.36
N SER A 124 -16.27 -13.15 -14.60
CA SER A 124 -16.95 -13.06 -15.89
C SER A 124 -15.95 -12.76 -17.02
N GLU A 125 -16.39 -12.99 -18.23
CA GLU A 125 -15.54 -12.95 -19.40
C GLU A 125 -14.89 -11.57 -19.63
N LYS A 126 -15.67 -10.49 -19.44
CA LYS A 126 -15.16 -9.15 -19.63
C LYS A 126 -13.97 -8.86 -18.69
N TYR A 127 -14.03 -9.41 -17.47
CA TYR A 127 -13.09 -9.02 -16.35
C TYR A 127 -12.04 -10.04 -15.98
N CYS A 128 -12.17 -11.28 -16.47
CA CYS A 128 -11.40 -12.36 -15.90
C CYS A 128 -9.92 -12.33 -16.30
N THR A 129 -9.07 -12.88 -15.44
CA THR A 129 -7.61 -12.92 -15.68
C THR A 129 -7.34 -13.52 -17.06
N PRO A 130 -6.52 -12.85 -17.88
CA PRO A 130 -6.18 -13.41 -19.21
C PRO A 130 -5.44 -14.75 -19.08
N ARG A 131 -5.69 -15.66 -20.00
CA ARG A 131 -4.77 -16.75 -20.29
C ARG A 131 -3.36 -16.20 -20.33
N HIS A 132 -2.45 -16.86 -19.65
CA HIS A 132 -1.05 -16.44 -19.68
C HIS A 132 -0.19 -17.64 -19.35
N GLN A 133 1.05 -17.64 -19.83
CA GLN A 133 1.91 -18.80 -19.65
C GLN A 133 2.80 -18.72 -18.40
N ASP A 134 3.11 -17.49 -17.97
CA ASP A 134 3.89 -17.24 -16.73
C ASP A 134 3.74 -15.78 -16.29
N PHE A 135 4.46 -15.36 -15.24
CA PHE A 135 4.37 -13.96 -14.79
C PHE A 135 4.75 -12.92 -15.85
N ASP A 136 5.87 -13.12 -16.54
CA ASP A 136 6.32 -12.13 -17.50
C ASP A 136 5.23 -11.91 -18.54
N ASP A 137 4.57 -13.00 -18.92
CA ASP A 137 3.47 -12.93 -19.89
C ASP A 137 2.33 -12.15 -19.27
N LEU A 138 1.96 -12.47 -18.03
CA LEU A 138 0.79 -11.80 -17.43
C LEU A 138 1.09 -10.31 -17.31
N GLU A 139 2.31 -9.99 -16.89
CA GLU A 139 2.72 -8.60 -16.67
C GLU A 139 2.67 -7.83 -17.99
N ARG A 140 3.16 -8.44 -19.07
CA ARG A 140 3.00 -7.85 -20.40
C ARG A 140 1.54 -7.58 -20.69
N LYS A 141 0.68 -8.53 -20.37
CA LYS A 141 -0.75 -8.41 -20.69
C LYS A 141 -1.42 -7.34 -19.83
N TYR A 142 -0.93 -7.15 -18.61
CA TYR A 142 -1.41 -6.04 -17.75
C TYR A 142 -1.06 -4.70 -18.41
N TRP A 143 0.22 -4.47 -18.73
CA TRP A 143 0.59 -3.15 -19.23
C TRP A 143 0.02 -2.85 -20.63
N LYS A 144 -0.21 -3.90 -21.40
CA LYS A 144 -0.73 -3.75 -22.78
C LYS A 144 -2.24 -3.42 -22.78
N ASN A 145 -2.97 -3.74 -21.69
CA ASN A 145 -4.44 -3.81 -21.76
C ASN A 145 -5.10 -2.90 -20.76
N LEU A 146 -4.27 -2.09 -20.16
CA LEU A 146 -4.64 -1.22 -19.08
C LEU A 146 -5.78 -0.25 -19.42
N THR A 147 -5.82 0.26 -20.67
CA THR A 147 -6.78 1.30 -20.98
C THR A 147 -8.06 0.75 -21.56
N PHE A 148 -8.14 -0.56 -21.75
CA PHE A 148 -9.36 -1.12 -22.40
C PHE A 148 -10.51 -1.32 -21.36
N VAL A 149 -10.70 -2.50 -20.82
CA VAL A 149 -11.84 -2.63 -19.91
C VAL A 149 -11.42 -2.08 -18.56
N SER A 150 -12.25 -1.22 -17.96
CA SER A 150 -11.98 -0.65 -16.62
C SER A 150 -12.44 -1.65 -15.57
N PRO A 151 -11.51 -2.17 -14.77
CA PRO A 151 -11.88 -3.16 -13.78
C PRO A 151 -12.57 -2.50 -12.54
N ILE A 152 -13.31 -3.29 -11.76
CA ILE A 152 -13.98 -2.75 -10.56
C ILE A 152 -13.15 -3.22 -9.35
N TYR A 153 -12.80 -2.32 -8.44
CA TYR A 153 -11.98 -2.69 -7.29
C TYR A 153 -12.80 -2.50 -6.03
N GLY A 154 -12.89 -3.54 -5.20
CA GLY A 154 -13.63 -3.42 -3.92
C GLY A 154 -12.69 -2.94 -2.85
N ALA A 155 -12.26 -1.68 -3.01
CA ALA A 155 -11.15 -1.16 -2.23
C ALA A 155 -11.67 -0.38 -1.02
N ASP A 156 -10.75 -0.05 -0.11
CA ASP A 156 -10.99 0.92 1.00
C ASP A 156 -12.15 0.53 1.88
N ILE A 157 -12.32 -0.76 2.17
CA ILE A 157 -13.45 -1.20 3.01
C ILE A 157 -13.02 -1.20 4.47
N SER A 158 -13.72 -0.45 5.30
CA SER A 158 -13.39 -0.44 6.74
C SER A 158 -13.75 -1.80 7.35
N GLY A 159 -12.75 -2.60 7.72
CA GLY A 159 -13.04 -3.91 8.31
C GLY A 159 -11.84 -4.82 8.40
N SER A 160 -12.01 -5.90 9.14
CA SER A 160 -10.93 -6.86 9.34
C SER A 160 -11.48 -8.26 9.19
N LEU A 161 -10.74 -9.17 8.57
CA LEU A 161 -11.16 -10.57 8.58
C LEU A 161 -10.45 -11.43 9.63
N TYR A 162 -9.64 -10.82 10.48
CA TYR A 162 -8.98 -11.58 11.56
C TYR A 162 -10.03 -12.07 12.58
N ASP A 163 -9.88 -13.32 13.03
CA ASP A 163 -10.65 -13.80 14.21
C ASP A 163 -10.24 -12.99 15.43
N ASP A 164 -11.16 -12.82 16.39
CA ASP A 164 -10.87 -12.08 17.64
C ASP A 164 -9.75 -12.83 18.36
N ASP A 165 -9.70 -14.13 18.04
CA ASP A 165 -8.77 -15.14 18.55
C ASP A 165 -7.28 -14.91 18.43
N VAL A 166 -6.87 -13.92 17.62
CA VAL A 166 -5.51 -13.92 17.08
C VAL A 166 -4.61 -12.83 17.66
N ALA A 167 -3.57 -13.24 18.40
CA ALA A 167 -2.73 -12.30 19.15
C ALA A 167 -1.58 -11.69 18.33
N GLN A 168 -1.02 -12.48 17.40
CA GLN A 168 0.24 -12.08 16.71
C GLN A 168 -0.08 -11.47 15.33
N TRP A 169 0.58 -10.36 15.00
CA TRP A 169 0.48 -9.74 13.68
C TRP A 169 -0.96 -9.51 13.28
N ASN A 170 -1.74 -8.99 14.22
CA ASN A 170 -3.14 -8.75 14.00
C ASN A 170 -3.30 -7.34 13.53
N ILE A 171 -3.67 -7.20 12.26
CA ILE A 171 -3.67 -5.86 11.62
C ILE A 171 -4.59 -4.85 12.34
N GLY A 172 -5.61 -5.37 13.02
CA GLY A 172 -6.48 -4.52 13.84
C GLY A 172 -5.90 -4.10 15.19
N SER A 173 -4.75 -4.68 15.57
CA SER A 173 -4.14 -4.32 16.87
C SER A 173 -2.64 -4.58 16.93
N LEU A 174 -1.88 -3.79 16.20
CA LEU A 174 -0.45 -4.03 16.11
C LEU A 174 0.28 -3.38 17.28
N ARG A 175 -0.31 -2.34 17.82
CA ARG A 175 0.31 -1.65 18.97
C ARG A 175 1.68 -1.05 18.62
N THR A 176 1.69 -0.05 17.78
CA THR A 176 2.90 0.73 17.53
C THR A 176 2.62 2.14 17.98
N ILE A 177 3.64 3.00 17.92
CA ILE A 177 3.51 4.39 18.40
C ILE A 177 2.55 5.19 17.56
N LEU A 178 2.16 4.66 16.39
CA LEU A 178 1.09 5.29 15.64
C LEU A 178 -0.18 5.44 16.50
N ASP A 179 -0.39 4.53 17.44
CA ASP A 179 -1.57 4.59 18.33
C ASP A 179 -1.68 5.92 19.11
N MET A 180 -0.56 6.62 19.30
CA MET A 180 -0.55 7.92 19.96
C MET A 180 -1.50 8.95 19.36
N VAL A 181 -1.77 8.86 18.04
CA VAL A 181 -2.44 9.94 17.30
C VAL A 181 -3.88 9.99 17.77
N GLU A 182 -4.49 8.81 17.83
CA GLU A 182 -5.87 8.68 18.28
C GLU A 182 -6.01 9.02 19.77
N ARG A 183 -5.03 8.62 20.57
CA ARG A 183 -5.03 9.02 21.98
C ARG A 183 -5.20 10.53 22.10
N GLU A 184 -4.56 11.29 21.22
CA GLU A 184 -4.44 12.74 21.42
C GLU A 184 -5.67 13.60 21.07
N CYS A 185 -6.42 13.22 20.04
CA CYS A 185 -7.61 14.04 19.69
C CYS A 185 -8.90 13.26 19.47
N GLY A 186 -8.87 11.95 19.74
CA GLY A 186 -9.96 11.04 19.36
C GLY A 186 -10.18 10.85 17.86
N THR A 187 -9.32 11.40 17.02
CA THR A 187 -9.48 11.22 15.58
C THR A 187 -9.07 9.80 15.15
N ILE A 188 -9.99 9.11 14.49
CA ILE A 188 -9.66 7.90 13.75
C ILE A 188 -9.52 8.26 12.29
N ILE A 189 -8.48 7.75 11.65
CA ILE A 189 -8.26 8.05 10.26
C ILE A 189 -8.43 6.73 9.54
N GLU A 190 -9.58 6.50 8.89
CA GLU A 190 -9.91 5.17 8.44
C GLU A 190 -8.81 4.71 7.49
N GLY A 191 -8.35 3.47 7.65
CA GLY A 191 -7.29 2.88 6.78
C GLY A 191 -5.87 3.16 7.28
N VAL A 192 -5.72 4.22 8.07
CA VAL A 192 -4.41 4.58 8.59
C VAL A 192 -4.26 4.02 10.02
N ASN A 193 -5.25 4.38 10.85
CA ASN A 193 -5.45 4.01 12.23
C ASN A 193 -6.35 2.80 12.36
N THR A 194 -6.94 2.35 11.25
CA THR A 194 -7.90 1.20 11.29
C THR A 194 -7.62 0.32 10.07
N PRO A 195 -8.08 -0.92 10.09
CA PRO A 195 -7.80 -1.80 8.95
C PRO A 195 -8.75 -1.56 7.78
N TYR A 196 -8.22 -1.73 6.56
CA TYR A 196 -8.96 -1.71 5.33
C TYR A 196 -8.91 -3.13 4.72
N LEU A 197 -9.99 -3.47 4.04
CA LEU A 197 -10.02 -4.62 3.17
C LEU A 197 -10.05 -4.19 1.69
N TYR A 198 -9.42 -5.00 0.84
CA TYR A 198 -9.46 -4.80 -0.60
C TYR A 198 -9.81 -6.13 -1.27
N PHE A 199 -11.01 -6.23 -1.86
CA PHE A 199 -11.32 -7.37 -2.71
C PHE A 199 -10.98 -6.95 -4.11
N GLY A 200 -10.07 -7.71 -4.72
CA GLY A 200 -9.53 -7.32 -6.03
C GLY A 200 -9.99 -8.24 -7.13
N MET A 201 -9.80 -7.80 -8.38
CA MET A 201 -9.98 -8.65 -9.53
C MET A 201 -8.85 -8.30 -10.51
N TRP A 202 -8.76 -9.06 -11.59
CA TRP A 202 -7.72 -8.83 -12.56
C TRP A 202 -7.59 -7.38 -12.96
N LYS A 203 -6.37 -6.87 -12.89
CA LYS A 203 -6.03 -5.55 -13.43
C LYS A 203 -6.34 -4.39 -12.46
N THR A 204 -6.99 -4.68 -11.33
CA THR A 204 -7.24 -3.62 -10.37
C THR A 204 -5.87 -3.22 -9.81
N THR A 205 -5.71 -1.92 -9.53
CA THR A 205 -4.37 -1.29 -9.50
C THR A 205 -4.20 -0.27 -8.34
N PHE A 206 -3.05 -0.30 -7.66
CA PHE A 206 -2.65 0.79 -6.80
C PHE A 206 -1.52 1.57 -7.48
N ALA A 207 -1.77 2.85 -7.69
CA ALA A 207 -0.86 3.74 -8.39
C ALA A 207 0.42 3.98 -7.59
N TRP A 208 1.40 4.69 -8.18
CA TRP A 208 2.66 5.00 -7.47
C TRP A 208 2.41 5.93 -6.32
N HIS A 209 2.85 5.52 -5.12
CA HIS A 209 2.71 6.43 -3.98
C HIS A 209 3.61 6.00 -2.87
N THR A 210 3.77 6.89 -1.89
CA THR A 210 4.21 6.47 -0.57
C THR A 210 3.01 6.63 0.34
N GLU A 211 3.12 6.12 1.55
CA GLU A 211 1.95 6.17 2.43
C GLU A 211 1.69 7.62 2.87
N ASP A 212 0.46 7.89 3.32
CA ASP A 212 0.18 9.17 4.02
C ASP A 212 1.20 9.37 5.13
N MET A 213 1.79 10.56 5.14
CA MET A 213 2.76 10.95 6.16
C MET A 213 4.00 10.09 6.12
N ASP A 214 4.22 9.40 4.98
CA ASP A 214 5.32 8.45 4.80
C ASP A 214 5.42 7.40 5.89
N LEU A 215 4.27 6.95 6.37
CA LEU A 215 4.16 5.82 7.29
C LEU A 215 4.61 4.51 6.69
N TYR A 216 4.86 3.52 7.55
CA TYR A 216 4.97 2.13 7.09
C TYR A 216 3.59 1.67 6.73
N SER A 217 3.50 0.58 6.00
CA SER A 217 2.26 -0.14 5.95
C SER A 217 2.50 -1.62 6.09
N ILE A 218 1.48 -2.36 6.49
CA ILE A 218 1.51 -3.80 6.47
C ILE A 218 0.33 -4.31 5.68
N ASN A 219 0.56 -5.35 4.89
CA ASN A 219 -0.44 -5.82 3.96
C ASN A 219 -0.49 -7.37 4.00
N TYR A 220 -1.64 -7.96 4.29
CA TYR A 220 -1.75 -9.41 4.36
C TYR A 220 -2.68 -9.87 3.27
N LEU A 221 -2.28 -10.84 2.46
CA LEU A 221 -3.21 -11.35 1.45
C LEU A 221 -3.98 -12.55 1.99
N HIS A 222 -5.25 -12.33 2.32
CA HIS A 222 -6.07 -13.37 2.98
C HIS A 222 -6.24 -14.60 2.11
N PHE A 223 -6.63 -14.41 0.85
CA PHE A 223 -6.88 -15.55 -0.03
C PHE A 223 -6.89 -15.06 -1.46
N GLY A 224 -6.78 -16.00 -2.39
CA GLY A 224 -7.07 -15.69 -3.79
C GLY A 224 -5.82 -15.60 -4.63
N GLU A 225 -5.92 -14.91 -5.75
CA GLU A 225 -4.86 -14.84 -6.71
C GLU A 225 -3.86 -13.79 -6.26
N PRO A 226 -2.67 -13.78 -6.87
CA PRO A 226 -1.65 -12.93 -6.30
C PRO A 226 -1.84 -11.44 -6.47
N LYS A 227 -1.03 -10.69 -5.74
CA LYS A 227 -0.96 -9.23 -5.86
C LYS A 227 0.48 -8.92 -6.17
N SER A 228 0.76 -8.33 -7.35
CA SER A 228 2.14 -7.97 -7.67
C SER A 228 2.50 -6.51 -7.36
N TRP A 229 3.75 -6.31 -6.98
CA TRP A 229 4.25 -5.05 -6.41
C TRP A 229 5.47 -4.58 -7.19
N TYR A 230 5.57 -3.26 -7.40
CA TYR A 230 6.82 -2.61 -7.83
C TYR A 230 7.22 -1.69 -6.70
N ALA A 231 8.52 -1.60 -6.42
CA ALA A 231 8.96 -0.76 -5.31
C ALA A 231 10.25 -0.07 -5.69
N ILE A 232 10.32 1.20 -5.33
CA ILE A 232 11.53 1.99 -5.54
C ILE A 232 12.22 2.23 -4.18
N PRO A 233 13.54 2.04 -4.12
CA PRO A 233 14.21 2.28 -2.82
C PRO A 233 13.97 3.70 -2.28
N PRO A 234 13.80 3.82 -0.95
CA PRO A 234 13.63 5.18 -0.38
C PRO A 234 14.72 6.14 -0.81
N GLU A 235 15.94 5.62 -0.99
CA GLU A 235 17.05 6.49 -1.34
C GLU A 235 16.99 6.98 -2.79
N HIS A 236 16.07 6.42 -3.57
CA HIS A 236 15.86 6.90 -4.92
C HIS A 236 14.49 7.49 -5.12
N GLY A 237 13.80 7.78 -4.02
CA GLY A 237 12.45 8.30 -4.12
C GLY A 237 12.39 9.67 -4.75
N LYS A 238 13.32 10.53 -4.36
CA LYS A 238 13.32 11.87 -4.92
C LYS A 238 13.53 11.80 -6.44
N ARG A 239 14.21 10.76 -6.92
CA ARG A 239 14.48 10.66 -8.36
C ARG A 239 13.21 10.35 -9.09
N LEU A 240 12.40 9.48 -8.50
CA LEU A 240 11.06 9.24 -9.01
C LEU A 240 10.25 10.53 -9.07
N GLU A 241 10.27 11.33 -7.99
CA GLU A 241 9.47 12.53 -7.96
C GLU A 241 9.87 13.53 -9.06
N ARG A 242 11.19 13.67 -9.29
CA ARG A 242 11.69 14.54 -10.40
C ARG A 242 11.28 14.00 -11.76
N LEU A 243 11.43 12.72 -11.97
CA LEU A 243 10.85 12.06 -13.14
C LEU A 243 9.35 12.43 -13.34
N ALA A 244 8.54 12.27 -12.29
CA ALA A 244 7.08 12.44 -12.43
C ALA A 244 6.75 13.88 -12.76
N ILE A 245 7.46 14.82 -12.13
CA ILE A 245 7.30 16.24 -12.47
C ILE A 245 7.64 16.51 -13.95
N GLY A 246 8.67 15.82 -14.44
CA GLY A 246 8.99 15.87 -15.88
C GLY A 246 7.94 15.27 -16.83
N PHE A 247 7.15 14.32 -16.32
CA PHE A 247 6.08 13.67 -17.08
C PHE A 247 4.80 14.49 -17.10
N PHE A 248 4.51 15.15 -15.99
CA PHE A 248 3.19 15.80 -15.82
C PHE A 248 3.38 17.20 -15.26
N PRO A 249 3.95 18.11 -16.09
CA PRO A 249 4.31 19.42 -15.55
C PRO A 249 3.08 20.22 -15.11
N GLY A 250 1.94 20.02 -15.79
CA GLY A 250 0.67 20.65 -15.36
C GLY A 250 0.28 20.25 -13.95
N SER A 251 0.34 18.94 -13.68
CA SER A 251 0.02 18.39 -12.36
C SER A 251 0.93 18.92 -11.24
N SER A 252 2.24 18.96 -11.49
CA SER A 252 3.16 19.40 -10.46
C SER A 252 2.91 20.87 -10.18
N GLN A 253 2.53 21.60 -11.23
CA GLN A 253 2.25 23.01 -11.05
C GLN A 253 1.04 23.19 -10.12
N GLY A 254 0.04 22.32 -10.26
CA GLY A 254 -1.18 22.38 -9.45
C GLY A 254 -1.07 21.97 -7.98
N CYS A 255 -0.08 21.14 -7.66
CA CYS A 255 0.05 20.60 -6.30
C CYS A 255 1.47 20.12 -6.07
N ASP A 256 2.06 20.49 -4.95
CA ASP A 256 3.46 20.14 -4.71
C ASP A 256 3.64 18.72 -4.10
N ALA A 257 2.56 17.94 -4.09
CA ALA A 257 2.67 16.53 -3.74
C ALA A 257 1.74 15.70 -4.61
N PHE A 258 1.71 15.94 -5.91
CA PHE A 258 0.62 15.39 -6.72
C PHE A 258 0.63 13.86 -6.80
N LEU A 259 1.75 13.22 -6.52
CA LEU A 259 1.72 11.73 -6.52
C LEU A 259 0.75 11.26 -5.44
N ARG A 260 0.51 12.12 -4.45
CA ARG A 260 -0.38 11.72 -3.35
C ARG A 260 -1.85 11.63 -3.75
N HIS A 261 -2.16 12.10 -4.94
CA HIS A 261 -3.50 11.95 -5.50
C HIS A 261 -3.69 10.50 -5.89
N LYS A 262 -2.58 9.73 -5.90
CA LYS A 262 -2.64 8.27 -6.19
C LYS A 262 -3.36 8.00 -7.52
N MET A 263 -2.96 8.70 -8.57
CA MET A 263 -3.48 8.31 -9.86
C MET A 263 -2.46 8.13 -10.95
N THR A 264 -1.17 8.17 -10.59
CA THR A 264 -0.09 8.09 -11.59
C THR A 264 0.45 6.66 -11.75
N LEU A 265 0.39 6.14 -12.97
CA LEU A 265 0.93 4.83 -13.27
C LEU A 265 2.10 5.03 -14.22
N ILE A 266 3.15 4.23 -14.02
CA ILE A 266 4.36 4.36 -14.85
C ILE A 266 4.87 2.93 -14.98
N SER A 267 5.03 2.47 -16.21
CA SER A 267 5.42 1.11 -16.44
C SER A 267 6.88 0.87 -16.06
N PRO A 268 7.23 -0.40 -15.90
CA PRO A 268 8.60 -0.75 -15.65
C PRO A 268 9.49 -0.48 -16.88
N ILE A 269 8.93 -0.47 -18.09
CA ILE A 269 9.74 -0.10 -19.26
C ILE A 269 10.17 1.34 -19.16
N ILE A 270 9.25 2.19 -18.75
CA ILE A 270 9.55 3.59 -18.56
C ILE A 270 10.55 3.83 -17.40
N LEU A 271 10.38 3.12 -16.29
CA LEU A 271 11.33 3.29 -15.17
C LEU A 271 12.75 2.96 -15.63
N LYS A 272 12.87 1.84 -16.34
CA LYS A 272 14.16 1.46 -16.95
C LYS A 272 14.70 2.49 -17.95
N LYS A 273 13.81 3.04 -18.77
CA LYS A 273 14.16 4.09 -19.75
C LYS A 273 14.77 5.34 -19.11
N TYR A 274 14.40 5.62 -17.84
CA TYR A 274 14.87 6.81 -17.15
C TYR A 274 15.78 6.43 -15.96
N GLY A 275 16.25 5.19 -15.97
CA GLY A 275 17.26 4.73 -15.02
C GLY A 275 16.81 4.87 -13.56
N ILE A 276 15.52 4.67 -13.31
CA ILE A 276 15.00 4.64 -11.92
C ILE A 276 15.14 3.21 -11.39
N PRO A 277 15.98 3.03 -10.34
CA PRO A 277 16.16 1.73 -9.71
C PRO A 277 14.82 1.25 -9.10
N PHE A 278 14.40 0.04 -9.42
CA PHE A 278 13.19 -0.53 -8.80
C PHE A 278 13.36 -2.05 -8.78
N SER A 279 12.54 -2.74 -7.98
CA SER A 279 12.40 -4.18 -8.09
C SER A 279 10.92 -4.54 -8.09
N ARG A 280 10.63 -5.77 -8.49
CA ARG A 280 9.27 -6.26 -8.42
C ARG A 280 9.18 -7.56 -7.63
N ILE A 281 8.03 -7.79 -7.02
CA ILE A 281 7.82 -9.03 -6.32
C ILE A 281 6.36 -9.38 -6.30
N THR A 282 6.07 -10.68 -6.35
CA THR A 282 4.68 -11.12 -6.31
C THR A 282 4.34 -11.68 -4.92
N GLN A 283 3.28 -11.14 -4.33
CA GLN A 283 2.80 -11.59 -3.01
C GLN A 283 1.67 -12.64 -3.27
N GLU A 284 1.74 -13.79 -2.61
CA GLU A 284 0.71 -14.82 -2.77
C GLU A 284 -0.09 -14.97 -1.52
N ALA A 285 -1.21 -15.66 -1.61
CA ALA A 285 -2.10 -15.80 -0.48
C ALA A 285 -1.34 -16.32 0.73
N GLY A 286 -1.59 -15.69 1.86
CA GLY A 286 -1.01 -16.08 3.15
C GLY A 286 0.26 -15.35 3.51
N GLU A 287 0.68 -14.38 2.67
CA GLU A 287 1.95 -13.69 2.89
C GLU A 287 1.71 -12.25 3.22
N PHE A 288 2.61 -11.69 4.02
CA PHE A 288 2.57 -10.27 4.40
C PHE A 288 3.56 -9.52 3.51
N MET A 289 3.21 -8.29 3.17
CA MET A 289 4.20 -7.34 2.69
C MET A 289 4.24 -6.14 3.65
N ILE A 290 5.45 -5.66 3.89
CA ILE A 290 5.63 -4.42 4.64
C ILE A 290 6.25 -3.38 3.74
N THR A 291 5.63 -2.21 3.66
CA THR A 291 6.30 -1.07 3.02
C THR A 291 6.91 -0.15 4.08
N PHE A 292 8.05 0.46 3.76
CA PHE A 292 8.85 1.23 4.77
C PHE A 292 8.70 2.70 4.46
N PRO A 293 8.97 3.59 5.44
CA PRO A 293 8.86 5.03 5.20
C PRO A 293 9.53 5.51 3.90
N TYR A 294 8.76 6.25 3.11
CA TYR A 294 9.21 6.84 1.87
C TYR A 294 9.58 5.79 0.81
N GLY A 295 8.99 4.60 0.93
CA GLY A 295 9.18 3.51 -0.04
C GLY A 295 8.04 3.62 -1.07
N TYR A 296 8.32 4.18 -2.25
CA TYR A 296 7.30 4.28 -3.31
C TYR A 296 6.91 2.91 -3.75
N HIS A 297 5.64 2.69 -3.95
CA HIS A 297 5.23 1.37 -4.46
C HIS A 297 4.03 1.54 -5.36
N ALA A 298 3.72 0.50 -6.12
CA ALA A 298 2.57 0.49 -7.04
C ALA A 298 2.36 -0.98 -7.38
N GLY A 299 1.20 -1.36 -7.92
CA GLY A 299 1.07 -2.76 -8.37
C GLY A 299 -0.37 -3.10 -8.73
N PHE A 300 -0.69 -4.39 -8.79
CA PHE A 300 -1.94 -4.81 -9.40
C PHE A 300 -2.30 -6.21 -8.97
N ASN A 301 -3.60 -6.50 -8.95
CA ASN A 301 -4.11 -7.83 -8.58
C ASN A 301 -4.18 -8.72 -9.80
N HIS A 302 -3.87 -10.02 -9.61
CA HIS A 302 -3.87 -10.97 -10.75
C HIS A 302 -5.28 -11.45 -11.08
N GLY A 303 -6.17 -11.40 -10.10
CA GLY A 303 -7.51 -12.00 -10.25
C GLY A 303 -8.21 -11.87 -8.92
N PHE A 304 -9.33 -12.55 -8.74
CA PHE A 304 -10.12 -12.37 -7.50
C PHE A 304 -9.26 -12.65 -6.26
N ASN A 305 -9.19 -11.68 -5.35
CA ASN A 305 -8.47 -11.86 -4.10
C ASN A 305 -8.97 -10.95 -3.00
N CYS A 306 -8.34 -11.06 -1.85
CA CYS A 306 -8.77 -10.29 -0.65
C CYS A 306 -7.56 -9.99 0.22
N ALA A 307 -7.27 -8.71 0.40
CA ALA A 307 -6.12 -8.28 1.18
C ALA A 307 -6.60 -7.39 2.28
N GLU A 308 -5.82 -7.38 3.33
CA GLU A 308 -6.05 -6.49 4.50
C GLU A 308 -4.80 -5.65 4.78
N SER A 309 -4.96 -4.37 5.15
CA SER A 309 -3.80 -3.51 5.27
C SER A 309 -4.10 -2.40 6.23
N THR A 310 -3.06 -1.92 6.88
CA THR A 310 -3.18 -0.67 7.65
C THR A 310 -1.83 0.01 7.70
N ASN A 311 -1.76 1.23 8.27
CA ASN A 311 -0.46 1.84 8.48
C ASN A 311 0.09 1.56 9.89
N PHE A 312 1.40 1.72 10.05
CA PHE A 312 2.01 1.70 11.40
C PHE A 312 3.26 2.57 11.45
N ALA A 313 3.79 2.79 12.65
CA ALA A 313 4.98 3.61 12.86
C ALA A 313 6.00 2.96 13.80
N THR A 314 7.21 3.47 13.75
CA THR A 314 8.27 3.13 14.69
C THR A 314 8.98 4.44 14.96
N LEU A 315 9.93 4.42 15.89
CA LEU A 315 10.70 5.63 16.20
C LEU A 315 11.39 6.16 14.94
N ARG A 316 11.92 5.26 14.15
CA ARG A 316 12.65 5.66 12.95
C ARG A 316 11.75 6.44 11.99
N TRP A 317 10.43 6.15 11.99
CA TRP A 317 9.47 6.91 11.18
C TRP A 317 9.40 8.41 11.49
N ILE A 318 9.57 8.76 12.77
CA ILE A 318 9.27 10.15 13.16
C ILE A 318 9.96 11.17 12.24
N ASP A 319 11.24 10.97 11.93
CA ASP A 319 11.93 11.99 11.13
C ASP A 319 11.36 12.06 9.71
N TYR A 320 10.77 10.99 9.24
CA TYR A 320 10.15 11.04 7.92
C TYR A 320 8.85 11.81 8.02
N GLY A 321 8.08 11.53 9.07
CA GLY A 321 6.79 12.22 9.27
C GLY A 321 6.95 13.73 9.41
N LYS A 322 8.03 14.14 10.08
CA LYS A 322 8.37 15.56 10.18
C LYS A 322 8.55 16.26 8.84
N VAL A 323 9.13 15.57 7.87
CA VAL A 323 9.35 16.24 6.61
C VAL A 323 8.41 15.73 5.48
N ALA A 324 7.50 14.83 5.79
CA ALA A 324 6.60 14.29 4.73
C ALA A 324 5.87 15.39 3.95
N THR A 325 5.83 15.27 2.64
CA THR A 325 5.08 16.27 1.85
C THR A 325 3.59 16.08 2.08
N GLN A 326 2.82 17.13 1.81
CA GLN A 326 1.38 17.02 1.90
C GLN A 326 0.76 17.66 0.66
N CYS A 327 -0.32 17.06 0.17
CA CYS A 327 -1.10 17.63 -0.92
C CYS A 327 -1.66 19.00 -0.52
N THR A 328 -1.46 20.02 -1.35
CA THR A 328 -1.80 21.40 -1.02
C THR A 328 -3.04 21.88 -1.78
N CYS A 329 -3.72 20.96 -2.46
CA CYS A 329 -4.75 21.32 -3.44
C CYS A 329 -6.09 20.62 -3.17
N ARG A 330 -6.11 19.67 -2.25
CA ARG A 330 -7.38 19.09 -1.82
C ARG A 330 -7.57 19.29 -0.33
N LYS A 331 -8.79 19.09 0.15
CA LYS A 331 -9.09 19.30 1.58
C LYS A 331 -9.36 17.96 2.26
N ASP A 332 -9.36 16.90 1.46
CA ASP A 332 -9.76 15.57 1.90
C ASP A 332 -8.57 14.76 2.48
N MET A 333 -7.39 15.36 2.56
CA MET A 333 -6.16 14.58 2.68
C MET A 333 -5.72 14.26 4.13
N VAL A 334 -5.04 13.13 4.30
CA VAL A 334 -4.55 12.76 5.63
C VAL A 334 -3.39 13.64 6.10
N LYS A 335 -3.60 14.28 7.24
CA LYS A 335 -2.53 15.05 7.87
C LYS A 335 -2.41 14.57 9.31
N ILE A 336 -1.20 14.26 9.76
CA ILE A 336 -1.01 13.93 11.16
C ILE A 336 -0.10 14.99 11.77
N SER A 337 -0.52 15.59 12.88
CA SER A 337 0.38 16.52 13.61
C SER A 337 1.54 15.76 14.26
N MET A 338 2.77 16.20 14.03
CA MET A 338 3.96 15.49 14.53
C MET A 338 4.32 15.97 15.94
N ASP A 339 3.64 17.01 16.39
CA ASP A 339 3.99 17.65 17.67
C ASP A 339 4.10 16.63 18.81
N VAL A 340 3.09 15.77 18.98
CA VAL A 340 3.17 14.77 20.06
C VAL A 340 4.33 13.78 19.96
N PHE A 341 4.68 13.35 18.74
CA PHE A 341 5.81 12.44 18.59
C PHE A 341 7.15 13.10 18.95
N VAL A 342 7.37 14.33 18.49
CA VAL A 342 8.66 14.99 18.78
C VAL A 342 8.73 15.32 20.29
N ARG A 343 7.62 15.83 20.81
CA ARG A 343 7.54 16.28 22.21
C ARG A 343 7.80 15.16 23.19
N ILE A 344 7.28 13.98 22.90
CA ILE A 344 7.41 12.84 23.81
C ILE A 344 8.58 11.94 23.51
N LEU A 345 8.89 11.77 22.22
CA LEU A 345 9.86 10.78 21.83
C LEU A 345 11.15 11.39 21.30
N GLN A 346 11.14 12.69 21.01
CA GLN A 346 12.38 13.39 20.63
C GLN A 346 12.59 14.64 21.49
N PRO A 347 12.44 14.48 22.82
CA PRO A 347 12.26 15.65 23.72
C PRO A 347 13.42 16.60 23.60
N GLU A 348 14.61 16.06 23.35
CA GLU A 348 15.82 16.90 23.26
C GLU A 348 15.84 17.73 22.00
N ARG A 349 15.09 17.35 20.98
CA ARG A 349 15.00 18.18 19.78
C ARG A 349 13.75 19.02 19.66
N TYR A 350 12.84 18.91 20.64
CA TYR A 350 11.50 19.50 20.48
C TYR A 350 11.54 21.00 20.40
N GLU A 351 12.31 21.63 21.29
CA GLU A 351 12.36 23.09 21.31
C GLU A 351 12.87 23.68 20.01
N LEU A 352 14.00 23.17 19.52
CA LEU A 352 14.49 23.60 18.21
C LEU A 352 13.44 23.35 17.12
N TRP A 353 12.85 22.16 17.13
CA TRP A 353 11.92 21.79 16.11
C TRP A 353 10.74 22.76 16.03
N LYS A 354 10.29 23.25 17.18
CA LYS A 354 9.23 24.27 17.21
C LYS A 354 9.58 25.55 16.45
N GLN A 355 10.87 25.88 16.37
CA GLN A 355 11.28 27.14 15.76
C GLN A 355 12.07 26.90 14.47
N GLY A 356 11.56 26.02 13.62
CA GLY A 356 12.08 25.81 12.27
C GLY A 356 13.45 25.15 12.12
N LYS A 357 14.03 24.69 13.23
CA LYS A 357 15.47 24.36 13.27
C LYS A 357 15.76 22.91 13.64
N ALA B 1 -11.09 13.03 7.04
CA ALA B 1 -10.03 12.47 6.14
C ALA B 1 -9.85 10.98 6.38
N ARG B 2 -9.68 10.23 5.30
CA ARG B 2 -9.41 8.81 5.39
C ARG B 2 -8.36 8.50 4.33
N M3L B 3 -7.63 7.41 4.50
CA M3L B 3 -6.79 6.87 3.41
CB M3L B 3 -6.10 5.65 4.02
CG M3L B 3 -5.31 4.79 3.06
CD M3L B 3 -4.78 3.57 3.84
CE M3L B 3 -4.00 2.69 2.89
NZ M3L B 3 -3.49 1.46 3.52
C M3L B 3 -7.70 6.45 2.29
O M3L B 3 -8.86 6.08 2.52
CM1 M3L B 3 -4.58 0.63 4.08
CM2 M3L B 3 -2.53 1.78 4.57
CM3 M3L B 3 -2.78 0.68 2.47
N SER B 4 -7.21 6.48 1.05
CA SER B 4 -8.03 6.04 -0.07
C SER B 4 -7.17 5.63 -1.25
N THR B 5 -7.79 4.93 -2.17
CA THR B 5 -7.16 4.54 -3.47
C THR B 5 -7.09 5.74 -4.44
N GLY B 6 -7.65 6.87 -4.02
CA GLY B 6 -7.34 8.12 -4.73
C GLY B 6 -8.06 8.18 -6.06
N GLY B 7 -7.40 8.77 -7.07
CA GLY B 7 -7.96 8.80 -8.44
C GLY B 7 -9.24 9.64 -8.50
N LYS B 8 -9.36 10.54 -7.53
CA LYS B 8 -10.46 11.52 -7.41
C LYS B 8 -11.45 11.17 -6.32
O42 PD2 C . -4.71 -1.87 -3.17
C41 PD2 C . -3.70 -2.31 -2.53
O41 PD2 C . -3.44 -3.52 -2.41
C4 PD2 C . -2.68 -1.35 -1.96
C5 PD2 C . -1.36 -1.77 -1.79
C6 PD2 C . -0.41 -0.88 -1.29
C3 PD2 C . -3.03 -0.04 -1.63
C2 PD2 C . -2.03 0.79 -1.13
N1 PD2 C . -0.78 0.36 -0.96
C21 PD2 C . -2.33 2.16 -0.59
O21 PD2 C . -3.39 2.69 -0.88
O22 PD2 C . -1.50 2.65 0.21
NI NI D . 0.45 1.86 -0.10
ZN ZN E . -2.86 17.89 -4.38
#